data_7F63
#
_entry.id   7F63
#
_cell.length_a   1.00
_cell.length_b   1.00
_cell.length_c   1.00
_cell.angle_alpha   90.00
_cell.angle_beta   90.00
_cell.angle_gamma   90.00
#
_symmetry.space_group_name_H-M   'P 1'
#
loop_
_entity.id
_entity.type
_entity.pdbx_description
1 polymer 'Spike glycoprotein'
2 polymer 'RBD-chAb45, Heavy chain'
3 polymer 'RBD-chAb45, Light chain'
#
loop_
_entity_poly.entity_id
_entity_poly.type
_entity_poly.pdbx_seq_one_letter_code
_entity_poly.pdbx_strand_id
1 'polypeptide(L)'
;MFVFLVLLPLVSSQCVNLTTRTQLPPAYTNSFTRGVYYPDKVFRSSVLHSTQDLFLPFFSNVTWFHAIHVSGTNGTKRFD
NPVLPFNDGVYFASTEKSNIIRGWIFGTTLDSKTQSLLIVNNATNVVIKVCEFQFCNDPFLGVYYHKNNKSWMESEFRVY
SSANNCTFEYVSQPFLMDLEGKQGNFKNLREFVFKNIDGYFKIYSKHTPINLVRDLPQGFSALEPLVDLPIGINITRFQT
LLALHRSYLTPGDSSSGWTAGAAAYYVGYLQPRTFLLKYNENGTITDAVDCALDPLSETKCTLKSFTVEKGIYQTSNFRV
QPTESIVRFPNITNLCPFGEVFNATRFASVYAWNRKRISNCVADYSVLYNSASFSTFKCYGVSPTKLNDLCFTNVYADSF
VIRGDEVRQIAPGQTGKIADYNYKLPDDFTGCVIAWNSNNLDSKVGGNYNYLYRLFRKSNLKPFERDISTEIYQAGSTPC
NGVEGFNCYFPLQSYGFQPTNGVGYQPYRVVVLSFELLHAPATVCGPKKSTNLVKNKCVNFNFNGLTGTGVLTESNKKFL
PFQQFGRDIADTTDAVRDPQTLEILDITPCSFGGVSVITPGTNTSNQVAVLYQDVNCTEVPVAIHADQLTPTWRVYSTGS
NVFQTRAGCLIGAEHVNNSYECDIPIGAGICASYQTQTNSPGSASSVASQSIIAYTMSLGAENSVAYSNNSIAIPTNFTI
SVTTEILPVSMTKTSVDCTMYICGDSTECSNLLLQYGSFCTQLNRALTGIAVEQDKNTQEVFAQVKQIYKTPPIKDFGGF
NFSQILPDPSKPSKRSFIEDLLFNKVTLADAGFIKQYGDCLGDIAARDLICAQKFNGLTVLPPLLTDEMIAQYTSALLAG
TITSGWTFGAGAALQIPFAMQMAYRFNGIGVTQNVLYENQKLIANQFNSAIGKIQDSLSSTASALGKLQDVVNQNAQALN
TLVKQLSSNFGAISSVLNDILSRLDPPEAEVQIDRLITGRLQSLQTYVTQQLIRAAEIRASANLAATKMSECVLGQSKRV
DFCGKGYHLMSFPQSAPHGVVFLHVTYVPAQEKNFTTAPAICHDGKAHFPREGVFVSNGTHWFVTQRNFYEPQIITTDNT
FVSGNCDVVIGIVNNTVYDPLQPELDSFKEELDKYFKNHTSPDVDLGDISGINASVVNIQKEIDRLNEVAKNLNESLIDL
QELGKYEQEFGSGGYIPEAPRDGQAYVRKDGEWVLLSTFLKGQDNSADIQHSGRPLESRGPFEQKLISEEDLNMHTGHHH
HHH
;
A
2 'polypeptide(L)'
;EVQLQQSGPELVKPGASVKISCKTSGYTFTEYTIYWVKQSLGKSLEWIGGNNPNNDDTTYKQFFKGKATLTVDKSSSTAY
MELRSLTSEDSAVYYCARDGYPYYYALDFWGQGTSVTVSSASTKGPSVFPLAPSSKSTSGGTAALGCLVKDYFPEPVTVS
WNSGALTSGVHTFPAVLQSSGLYSLSSVVTVPSSSLGTQTYICNVNHKPSNTKVDKKVEPKSCDKTHTCPPCPAPELLGG
PSVFLFPPKPKDTLMISRTPEVTCVVVDVSHEDPEVKFNWYVDGVEVHNAKTKPREEQYNSTYRVVSVLTVLHQDWLNGK
EYKCKVSNKALPAPIEKTISKAKGQPREPQVYTLPPSRDELTKNQVSLTCLVKGFYPSDIAVEWESNGQPENNYKTTPPV
LDSDGSFFLYSKLTVDKSRWQQGNVFSCSVMHEALHNHYTQKSLSLSPG
;
H
3 'polypeptide(L)'
;DIVMTQSQKFMSTSVGDRVSVTCKSSQNVGTNVAWYQQKPGQSPKALIYSASYRYSGVPDHFTGSGSGTDFTLTISNVQS
ADLAEYFCQQYNNYPWTFGGGTKLEIKRTVAAPSVFIFPPSDEQLKSGTASVVCLLNNFYPREAKVQWKVDNALQSGNSQ
ESVTEQDSKDSTYSLSSTLTLSKADYEKHKVYACEVTHQGLSSPVTKSFNRGEC
;
L
#
# COMPACT_ATOMS: atom_id res chain seq x y z
N PRO A 330 53.33 -22.54 14.45
CA PRO A 330 52.74 -23.87 14.64
C PRO A 330 51.91 -24.29 13.43
N ASN A 331 51.50 -25.56 13.44
CA ASN A 331 50.73 -26.10 12.33
C ASN A 331 49.40 -25.39 12.17
N ILE A 332 48.72 -25.13 13.30
CA ILE A 332 47.41 -24.46 13.39
C ILE A 332 46.49 -24.88 12.23
N THR A 333 46.12 -26.15 12.23
CA THR A 333 45.21 -26.71 11.22
C THR A 333 43.88 -27.01 11.90
N ASN A 334 43.02 -25.99 11.97
CA ASN A 334 41.70 -26.08 12.58
C ASN A 334 40.66 -25.42 11.69
N LEU A 335 40.68 -25.77 10.40
CA LEU A 335 39.76 -25.16 9.44
C LEU A 335 38.31 -25.37 9.87
N CYS A 336 37.54 -24.31 9.78
CA CYS A 336 36.18 -24.23 10.29
C CYS A 336 35.16 -24.28 9.16
N PRO A 337 33.86 -24.46 9.47
CA PRO A 337 32.84 -24.58 8.43
C PRO A 337 32.65 -23.33 7.56
N PHE A 338 33.52 -22.33 7.72
CA PHE A 338 33.49 -21.18 6.82
C PHE A 338 33.58 -21.61 5.36
N GLY A 339 34.34 -22.66 5.08
CA GLY A 339 34.45 -23.20 3.74
C GLY A 339 33.37 -24.17 3.35
N GLU A 340 32.39 -24.40 4.22
CA GLU A 340 31.29 -25.33 3.96
C GLU A 340 29.99 -24.62 3.59
N VAL A 341 29.71 -23.48 4.21
CA VAL A 341 28.46 -22.77 3.93
C VAL A 341 28.40 -22.31 2.47
N PHE A 342 29.56 -22.04 1.87
CA PHE A 342 29.59 -21.66 0.47
C PHE A 342 29.24 -22.82 -0.46
N ASN A 343 29.25 -24.06 0.03
CA ASN A 343 28.90 -25.22 -0.77
C ASN A 343 27.71 -25.98 -0.17
N ALA A 344 26.79 -25.25 0.46
CA ALA A 344 25.58 -25.86 1.00
C ALA A 344 24.54 -25.99 -0.10
N THR A 345 23.97 -27.19 -0.24
CA THR A 345 23.03 -27.45 -1.32
C THR A 345 21.78 -26.60 -1.19
N ARG A 346 21.24 -26.49 0.02
CA ARG A 346 19.99 -25.79 0.27
C ARG A 346 20.23 -24.60 1.19
N PHE A 347 19.76 -23.43 0.76
CA PHE A 347 19.78 -22.21 1.55
C PHE A 347 18.36 -21.87 2.03
N ALA A 348 18.23 -20.72 2.67
CA ALA A 348 16.95 -20.25 3.18
C ALA A 348 16.37 -19.19 2.25
N SER A 349 15.18 -18.72 2.58
CA SER A 349 14.52 -17.69 1.79
C SER A 349 15.19 -16.34 2.02
N VAL A 350 14.88 -15.39 1.14
CA VAL A 350 15.51 -14.08 1.21
C VAL A 350 15.01 -13.29 2.41
N TYR A 351 13.70 -13.38 2.72
CA TYR A 351 13.19 -12.64 3.87
C TYR A 351 13.57 -13.34 5.18
N ALA A 352 13.56 -14.67 5.18
CA ALA A 352 14.08 -15.44 6.32
C ALA A 352 15.54 -15.83 6.05
N TRP A 353 16.36 -14.79 5.87
CA TRP A 353 17.76 -14.99 5.50
C TRP A 353 18.51 -15.75 6.57
N ASN A 354 19.43 -16.61 6.14
CA ASN A 354 20.14 -17.49 7.06
C ASN A 354 21.33 -16.76 7.68
N ARG A 355 21.49 -16.91 8.99
CA ARG A 355 22.57 -16.29 9.73
C ARG A 355 23.46 -17.37 10.33
N LYS A 356 24.77 -17.20 10.19
CA LYS A 356 25.75 -18.12 10.74
C LYS A 356 26.82 -17.33 11.47
N ARG A 357 27.21 -17.82 12.65
CA ARG A 357 28.24 -17.20 13.46
C ARG A 357 29.45 -18.12 13.48
N ILE A 358 30.60 -17.61 13.02
CA ILE A 358 31.83 -18.38 12.96
C ILE A 358 32.88 -17.69 13.81
N SER A 359 33.55 -18.48 14.64
CA SER A 359 34.62 -18.00 15.52
C SER A 359 35.44 -19.20 15.95
N ASN A 360 36.59 -18.92 16.56
CA ASN A 360 37.50 -19.95 17.08
C ASN A 360 37.95 -20.89 15.96
N CYS A 361 38.48 -20.31 14.89
CA CYS A 361 38.98 -21.11 13.77
C CYS A 361 40.01 -20.28 13.01
N VAL A 362 40.78 -20.97 12.17
CA VAL A 362 41.73 -20.33 11.27
C VAL A 362 41.46 -20.85 9.87
N ALA A 363 41.04 -19.94 8.97
CA ALA A 363 40.76 -20.29 7.60
C ALA A 363 41.32 -19.21 6.69
N ASP A 364 41.65 -19.59 5.46
CA ASP A 364 42.23 -18.67 4.50
C ASP A 364 41.13 -17.99 3.69
N TYR A 365 41.10 -16.67 3.73
CA TYR A 365 40.13 -15.90 2.96
C TYR A 365 40.59 -15.62 1.54
N SER A 366 41.87 -15.87 1.23
CA SER A 366 42.38 -15.58 -0.10
C SER A 366 41.86 -16.58 -1.13
N VAL A 367 41.62 -17.83 -0.72
CA VAL A 367 41.18 -18.85 -1.67
C VAL A 367 39.80 -18.58 -2.25
N LEU A 368 39.06 -17.63 -1.70
CA LEU A 368 37.73 -17.35 -2.20
C LEU A 368 37.79 -16.59 -3.53
N TYR A 369 38.38 -15.40 -3.52
CA TYR A 369 38.43 -14.61 -4.75
C TYR A 369 39.45 -15.12 -5.75
N ASN A 370 40.35 -16.02 -5.35
CA ASN A 370 41.28 -16.61 -6.31
C ASN A 370 40.56 -17.46 -7.34
N SER A 371 39.53 -18.20 -6.93
CA SER A 371 38.77 -19.01 -7.86
C SER A 371 38.01 -18.13 -8.85
N ALA A 372 37.84 -18.65 -10.06
CA ALA A 372 37.15 -17.93 -11.13
C ALA A 372 35.66 -18.21 -11.19
N SER A 373 35.14 -19.02 -10.26
CA SER A 373 33.72 -19.36 -10.24
C SER A 373 32.87 -18.33 -9.48
N PHE A 374 33.49 -17.30 -8.93
CA PHE A 374 32.77 -16.27 -8.16
C PHE A 374 32.48 -15.11 -9.10
N SER A 375 31.21 -14.96 -9.49
CA SER A 375 30.84 -13.97 -10.49
C SER A 375 30.98 -12.55 -9.96
N THR A 376 30.44 -12.28 -8.76
CA THR A 376 30.38 -10.94 -8.21
C THR A 376 31.03 -10.92 -6.84
N PHE A 377 31.98 -10.00 -6.65
CA PHE A 377 32.69 -9.84 -5.38
C PHE A 377 32.84 -8.34 -5.13
N LYS A 378 31.95 -7.76 -4.34
CA LYS A 378 31.98 -6.35 -4.00
C LYS A 378 32.26 -6.23 -2.51
N CYS A 379 33.46 -5.77 -2.16
CA CYS A 379 33.94 -5.92 -0.79
C CYS A 379 34.36 -4.55 -0.30
N TYR A 380 33.53 -3.94 0.55
CA TYR A 380 33.64 -2.55 0.93
C TYR A 380 34.54 -2.32 2.14
N GLY A 381 34.56 -3.25 3.10
CA GLY A 381 35.27 -3.00 4.34
C GLY A 381 36.76 -2.84 4.17
N VAL A 382 37.36 -3.68 3.33
CA VAL A 382 38.81 -3.70 3.16
C VAL A 382 39.12 -4.32 1.81
N SER A 383 40.34 -4.07 1.31
CA SER A 383 40.74 -4.63 0.03
C SER A 383 40.78 -6.15 0.11
N PRO A 384 40.48 -6.84 -1.00
CA PRO A 384 40.42 -8.31 -0.95
C PRO A 384 41.71 -8.97 -0.51
N THR A 385 42.86 -8.41 -0.85
CA THR A 385 44.14 -9.01 -0.53
C THR A 385 44.57 -8.77 0.92
N LYS A 386 43.84 -7.94 1.67
CA LYS A 386 44.19 -7.64 3.06
C LYS A 386 43.36 -8.43 4.05
N LEU A 387 42.48 -9.33 3.59
CA LEU A 387 41.69 -10.13 4.52
C LEU A 387 42.57 -11.02 5.38
N ASN A 388 43.57 -11.67 4.78
CA ASN A 388 44.45 -12.54 5.54
C ASN A 388 45.38 -11.75 6.45
N ASP A 389 45.76 -10.54 6.04
CA ASP A 389 46.69 -9.73 6.83
C ASP A 389 46.07 -9.33 8.17
N LEU A 390 44.79 -8.94 8.16
CA LEU A 390 44.12 -8.42 9.34
C LEU A 390 43.37 -9.54 10.06
N CYS A 391 43.25 -9.40 11.38
CA CYS A 391 42.57 -10.35 12.23
C CYS A 391 41.30 -9.71 12.81
N PHE A 392 40.23 -10.49 12.86
CA PHE A 392 38.93 -9.98 13.32
C PHE A 392 38.35 -10.85 14.43
N THR A 393 37.08 -10.63 14.76
CA THR A 393 36.40 -11.37 15.81
C THR A 393 34.99 -11.70 15.34
N ASN A 394 34.45 -12.80 15.90
CA ASN A 394 33.03 -13.19 15.84
C ASN A 394 32.40 -12.88 14.48
N VAL A 395 32.93 -13.52 13.44
CA VAL A 395 32.52 -13.23 12.07
C VAL A 395 31.10 -13.73 11.86
N TYR A 396 30.30 -12.94 11.13
CA TYR A 396 28.91 -13.26 10.85
C TYR A 396 28.70 -13.36 9.35
N ALA A 397 27.95 -14.37 8.93
CA ALA A 397 27.64 -14.61 7.52
C ALA A 397 26.13 -14.63 7.35
N ASP A 398 25.64 -13.87 6.37
CA ASP A 398 24.22 -13.84 6.04
C ASP A 398 24.05 -14.33 4.61
N SER A 399 23.26 -15.38 4.44
CA SER A 399 23.11 -16.05 3.15
C SER A 399 21.65 -16.04 2.71
N PHE A 400 21.43 -15.80 1.42
CA PHE A 400 20.10 -15.90 0.83
C PHE A 400 20.25 -16.06 -0.68
N VAL A 401 19.11 -16.08 -1.38
CA VAL A 401 19.05 -16.21 -2.83
C VAL A 401 18.21 -15.06 -3.37
N ILE A 402 18.72 -14.38 -4.40
CA ILE A 402 18.02 -13.27 -5.04
C ILE A 402 17.92 -13.55 -6.53
N ARG A 403 17.26 -12.65 -7.24
CA ARG A 403 17.10 -12.77 -8.68
C ARG A 403 18.37 -12.29 -9.39
N GLY A 404 18.38 -12.48 -10.72
CA GLY A 404 19.57 -12.15 -11.48
C GLY A 404 19.91 -10.67 -11.50
N ASP A 405 18.90 -9.82 -11.69
CA ASP A 405 19.11 -8.39 -11.88
C ASP A 405 18.84 -7.58 -10.63
N GLU A 406 19.15 -8.13 -9.45
CA GLU A 406 18.96 -7.43 -8.19
C GLU A 406 20.23 -7.33 -7.37
N VAL A 407 21.38 -7.74 -7.93
CA VAL A 407 22.63 -7.74 -7.17
C VAL A 407 23.01 -6.34 -6.74
N ARG A 408 22.72 -5.33 -7.56
CA ARG A 408 23.04 -3.96 -7.19
C ARG A 408 22.20 -3.46 -6.01
N GLN A 409 21.12 -4.16 -5.66
CA GLN A 409 20.31 -3.73 -4.53
C GLN A 409 21.04 -3.92 -3.20
N ILE A 410 21.95 -4.90 -3.13
CA ILE A 410 22.68 -5.17 -1.90
C ILE A 410 23.88 -4.23 -1.81
N ALA A 411 23.68 -3.09 -1.15
CA ALA A 411 24.73 -2.10 -0.97
C ALA A 411 24.33 -1.19 0.17
N PRO A 412 25.29 -0.68 0.95
CA PRO A 412 24.94 0.15 2.11
C PRO A 412 24.42 1.53 1.72
N GLY A 413 23.12 1.75 1.95
CA GLY A 413 22.53 3.04 1.69
C GLY A 413 22.05 3.24 0.26
N GLN A 414 21.33 2.25 -0.27
CA GLN A 414 20.78 2.31 -1.61
C GLN A 414 19.30 1.93 -1.57
N THR A 415 18.64 2.10 -2.72
CA THR A 415 17.21 1.83 -2.83
C THR A 415 16.98 0.43 -3.35
N GLY A 416 15.71 0.05 -3.44
CA GLY A 416 15.33 -1.27 -3.91
C GLY A 416 14.22 -1.90 -3.08
N LYS A 417 13.30 -2.60 -3.75
CA LYS A 417 12.19 -3.23 -3.04
C LYS A 417 12.70 -4.28 -2.07
N ILE A 418 13.64 -5.13 -2.52
CA ILE A 418 14.26 -6.09 -1.62
C ILE A 418 15.10 -5.37 -0.58
N ALA A 419 15.79 -4.30 -0.99
CA ALA A 419 16.61 -3.52 -0.06
C ALA A 419 15.78 -2.76 0.96
N ASP A 420 14.46 -2.69 0.79
CA ASP A 420 13.59 -1.98 1.71
C ASP A 420 12.71 -2.89 2.55
N TYR A 421 12.18 -3.97 1.98
CA TYR A 421 11.24 -4.84 2.69
C TYR A 421 11.79 -6.23 2.97
N ASN A 422 12.98 -6.56 2.50
CA ASN A 422 13.53 -7.89 2.72
C ASN A 422 14.87 -7.88 3.46
N TYR A 423 15.78 -6.99 3.10
CA TYR A 423 17.10 -6.98 3.71
C TYR A 423 17.75 -5.63 3.41
N LYS A 424 18.11 -4.90 4.46
CA LYS A 424 18.69 -3.56 4.30
C LYS A 424 20.02 -3.47 5.04
N LEU A 425 21.00 -2.82 4.40
CA LEU A 425 22.32 -2.59 4.95
C LEU A 425 22.44 -1.19 5.52
N PRO A 426 22.89 -1.03 6.77
CA PRO A 426 23.14 0.31 7.29
C PRO A 426 24.30 0.96 6.55
N ASP A 427 24.30 2.30 6.56
CA ASP A 427 25.36 3.04 5.87
C ASP A 427 26.72 2.76 6.48
N ASP A 428 26.80 2.71 7.81
CA ASP A 428 28.05 2.43 8.51
C ASP A 428 28.25 0.91 8.60
N PHE A 429 28.54 0.32 7.45
CA PHE A 429 28.71 -1.13 7.32
C PHE A 429 30.03 -1.41 6.65
N THR A 430 31.02 -1.84 7.43
CA THR A 430 32.33 -2.23 6.90
C THR A 430 32.33 -3.74 6.68
N GLY A 431 31.63 -4.16 5.63
CA GLY A 431 31.47 -5.57 5.36
C GLY A 431 31.98 -5.99 3.99
N CYS A 432 31.56 -7.14 3.52
CA CYS A 432 32.08 -7.70 2.27
C CYS A 432 30.97 -8.55 1.67
N VAL A 433 30.85 -8.58 0.34
CA VAL A 433 29.71 -9.21 -0.32
C VAL A 433 30.20 -10.10 -1.45
N ILE A 434 29.70 -11.33 -1.49
CA ILE A 434 29.96 -12.26 -2.58
C ILE A 434 28.61 -12.74 -3.13
N ALA A 435 28.59 -12.99 -4.44
CA ALA A 435 27.38 -13.47 -5.10
C ALA A 435 27.77 -14.26 -6.33
N TRP A 436 27.08 -15.37 -6.56
CA TRP A 436 27.41 -16.23 -7.70
C TRP A 436 26.18 -16.93 -8.21
N ASN A 437 26.21 -17.29 -9.50
CA ASN A 437 25.07 -17.89 -10.15
C ASN A 437 24.84 -19.33 -9.67
N SER A 438 23.58 -19.72 -9.62
CA SER A 438 23.18 -21.09 -9.30
C SER A 438 22.06 -21.54 -10.23
N ASN A 439 22.20 -21.23 -11.52
CA ASN A 439 21.16 -21.58 -12.49
C ASN A 439 21.00 -23.08 -12.61
N ASN A 440 22.11 -23.81 -12.64
CA ASN A 440 22.05 -25.26 -12.81
C ASN A 440 21.48 -25.96 -11.58
N LEU A 441 21.39 -25.27 -10.44
CA LEU A 441 20.88 -25.86 -9.21
C LEU A 441 19.39 -25.65 -9.01
N ASP A 442 18.72 -24.96 -9.94
CA ASP A 442 17.29 -24.73 -9.81
C ASP A 442 16.55 -24.94 -11.13
N SER A 443 17.11 -25.72 -12.05
CA SER A 443 16.44 -26.00 -13.31
C SER A 443 15.28 -26.97 -13.11
N LYS A 444 14.34 -26.93 -14.04
CA LYS A 444 13.18 -27.82 -13.99
C LYS A 444 13.47 -29.13 -14.72
N GLY A 447 10.53 -23.47 -13.06
CA GLY A 447 11.52 -24.32 -12.45
C GLY A 447 11.31 -24.51 -10.96
N ASN A 448 11.95 -23.67 -10.15
CA ASN A 448 11.83 -23.72 -8.70
C ASN A 448 10.70 -22.79 -8.26
N TYR A 449 9.79 -23.33 -7.45
CA TYR A 449 8.62 -22.58 -6.99
C TYR A 449 8.44 -22.74 -5.49
N ASN A 450 9.54 -22.66 -4.74
CA ASN A 450 9.49 -22.72 -3.28
C ASN A 450 10.15 -21.50 -2.64
N TYR A 451 10.32 -20.43 -3.39
CA TYR A 451 10.96 -19.21 -2.91
C TYR A 451 9.89 -18.16 -2.61
N LEU A 452 10.01 -17.52 -1.45
CA LEU A 452 9.08 -16.49 -1.04
C LEU A 452 9.86 -15.23 -0.67
N TYR A 453 9.24 -14.08 -0.93
CA TYR A 453 9.87 -12.79 -0.61
C TYR A 453 8.81 -11.78 -0.23
N ARG A 454 9.14 -10.93 0.72
CA ARG A 454 8.22 -9.87 1.13
C ARG A 454 8.09 -8.82 0.03
N LEU A 455 6.87 -8.34 -0.16
CA LEU A 455 6.60 -7.34 -1.19
C LEU A 455 5.88 -6.13 -0.60
N PHE A 456 5.15 -6.33 0.49
CA PHE A 456 4.37 -5.27 1.10
C PHE A 456 4.73 -5.16 2.57
N ARG A 457 5.00 -3.94 3.02
CA ARG A 457 5.34 -3.69 4.42
C ARG A 457 5.02 -2.24 4.75
N LYS A 458 4.75 -1.98 6.02
CA LYS A 458 4.38 -0.63 6.44
C LYS A 458 5.51 0.35 6.21
N SER A 459 6.74 -0.04 6.53
CA SER A 459 7.89 0.85 6.39
C SER A 459 9.12 0.02 6.05
N ASN A 460 10.25 0.71 5.91
CA ASN A 460 11.50 0.04 5.57
C ASN A 460 11.99 -0.79 6.75
N LEU A 461 12.74 -1.85 6.44
CA LEU A 461 13.25 -2.74 7.47
C LEU A 461 14.41 -2.10 8.22
N LYS A 462 14.59 -2.51 9.47
CA LYS A 462 15.71 -2.08 10.28
C LYS A 462 16.96 -2.86 9.89
N PRO A 463 18.15 -2.30 10.16
CA PRO A 463 19.39 -3.03 9.83
C PRO A 463 19.48 -4.35 10.57
N PHE A 464 19.86 -5.40 9.82
CA PHE A 464 20.07 -6.74 10.37
C PHE A 464 18.85 -7.22 11.15
N GLU A 465 17.67 -7.01 10.57
CA GLU A 465 16.41 -7.35 11.21
C GLU A 465 15.92 -8.68 10.67
N ARG A 466 15.74 -9.65 11.58
CA ARG A 466 15.16 -10.94 11.23
C ARG A 466 13.63 -10.89 11.42
N ASP A 467 13.00 -10.09 10.58
CA ASP A 467 11.56 -9.87 10.67
C ASP A 467 10.84 -11.08 10.06
N ILE A 468 10.35 -11.96 10.91
CA ILE A 468 9.58 -13.13 10.49
C ILE A 468 8.18 -13.00 11.08
N SER A 469 7.17 -13.01 10.21
CA SER A 469 5.77 -12.89 10.58
C SER A 469 4.93 -13.03 9.33
N THR A 470 3.64 -13.32 9.53
CA THR A 470 2.68 -13.41 8.44
C THR A 470 1.43 -12.62 8.80
N GLU A 471 0.92 -11.86 7.84
CA GLU A 471 -0.26 -11.04 8.04
C GLU A 471 -0.82 -10.64 6.69
N ILE A 472 -2.14 -10.43 6.64
CA ILE A 472 -2.80 -9.98 5.43
C ILE A 472 -2.58 -8.48 5.29
N TYR A 473 -1.75 -8.09 4.33
CA TYR A 473 -1.43 -6.68 4.14
C TYR A 473 -2.67 -5.91 3.67
N GLN A 474 -2.95 -4.79 4.33
CA GLN A 474 -4.08 -3.93 3.99
C GLN A 474 -3.57 -2.60 3.48
N ALA A 475 -4.19 -2.10 2.41
CA ALA A 475 -3.83 -0.82 1.81
C ALA A 475 -5.04 0.07 1.58
N GLY A 476 -6.15 -0.20 2.26
CA GLY A 476 -7.35 0.58 2.06
C GLY A 476 -7.90 1.18 3.34
N SER A 477 -8.79 2.18 3.19
CA SER A 477 -9.37 2.82 4.37
C SER A 477 -10.23 1.83 5.16
N THR A 478 -10.99 1.00 4.48
CA THR A 478 -11.83 0.02 5.17
C THR A 478 -10.96 -1.01 5.88
N PRO A 479 -11.36 -1.46 7.07
CA PRO A 479 -10.57 -2.47 7.79
C PRO A 479 -10.55 -3.79 7.03
N CYS A 480 -9.44 -4.51 7.20
CA CYS A 480 -9.24 -5.80 6.53
C CYS A 480 -9.43 -6.92 7.55
N ASN A 481 -10.32 -7.86 7.24
CA ASN A 481 -10.60 -8.98 8.11
C ASN A 481 -11.13 -10.14 7.28
N GLY A 482 -11.12 -11.32 7.88
CA GLY A 482 -11.65 -12.49 7.19
C GLY A 482 -10.77 -12.93 6.04
N VAL A 483 -11.38 -13.12 4.88
CA VAL A 483 -10.68 -13.65 3.72
C VAL A 483 -10.03 -12.51 2.96
N GLU A 484 -9.00 -12.85 2.19
CA GLU A 484 -8.30 -11.86 1.38
C GLU A 484 -9.18 -11.36 0.24
N GLY A 485 -8.94 -10.11 -0.16
CA GLY A 485 -9.69 -9.51 -1.25
C GLY A 485 -9.08 -8.19 -1.69
N PHE A 486 -9.94 -7.23 -2.04
CA PHE A 486 -9.46 -5.89 -2.38
C PHE A 486 -8.86 -5.24 -1.14
N ASN A 487 -7.66 -4.66 -1.31
CA ASN A 487 -6.89 -4.07 -0.22
C ASN A 487 -6.62 -5.09 0.88
N CYS A 488 -6.51 -6.36 0.50
CA CYS A 488 -6.20 -7.45 1.43
C CYS A 488 -5.39 -8.47 0.66
N TYR A 489 -4.06 -8.38 0.76
CA TYR A 489 -3.16 -9.15 -0.09
C TYR A 489 -2.19 -9.96 0.76
N PHE A 490 -1.61 -10.98 0.13
CA PHE A 490 -0.56 -11.77 0.75
C PHE A 490 0.80 -11.18 0.39
N PRO A 491 1.62 -10.79 1.37
CA PRO A 491 2.88 -10.10 1.06
C PRO A 491 3.99 -11.00 0.55
N LEU A 492 3.74 -12.29 0.36
CA LEU A 492 4.77 -13.24 -0.06
C LEU A 492 4.41 -13.80 -1.44
N GLN A 493 5.37 -13.80 -2.35
CA GLN A 493 5.17 -14.23 -3.72
C GLN A 493 6.33 -15.14 -4.15
N SER A 494 6.08 -15.93 -5.19
CA SER A 494 7.07 -16.87 -5.68
C SER A 494 7.99 -16.22 -6.70
N TYR A 495 8.91 -17.02 -7.24
CA TYR A 495 9.85 -16.58 -8.26
C TYR A 495 9.62 -17.37 -9.55
N GLY A 496 9.66 -16.67 -10.68
CA GLY A 496 9.57 -17.32 -11.97
C GLY A 496 10.92 -17.78 -12.47
N PHE A 497 11.49 -18.80 -11.84
CA PHE A 497 12.81 -19.29 -12.18
C PHE A 497 12.73 -20.44 -13.18
N GLN A 498 12.23 -20.12 -14.37
CA GLN A 498 12.11 -21.11 -15.42
C GLN A 498 13.49 -21.52 -15.93
N PRO A 499 13.64 -22.77 -16.38
CA PRO A 499 14.95 -23.23 -16.88
C PRO A 499 15.32 -22.64 -18.23
N THR A 500 14.46 -21.85 -18.86
CA THR A 500 14.77 -21.27 -20.16
C THR A 500 14.77 -19.75 -20.08
N ASN A 501 15.42 -19.20 -19.05
CA ASN A 501 15.48 -17.77 -18.83
C ASN A 501 16.93 -17.31 -18.73
N GLY A 502 17.17 -16.08 -19.12
CA GLY A 502 18.49 -15.48 -19.12
C GLY A 502 18.78 -14.68 -17.87
N VAL A 503 19.59 -13.63 -18.03
CA VAL A 503 19.96 -12.78 -16.91
C VAL A 503 18.74 -12.04 -16.40
N GLY A 504 18.61 -11.94 -15.07
CA GLY A 504 17.48 -11.33 -14.42
C GLY A 504 16.46 -12.31 -13.89
N TYR A 505 16.48 -13.56 -14.36
CA TYR A 505 15.61 -14.61 -13.85
C TYR A 505 16.37 -15.83 -13.35
N GLN A 506 17.70 -15.81 -13.41
CA GLN A 506 18.51 -16.90 -12.89
C GLN A 506 18.83 -16.67 -11.41
N PRO A 507 18.58 -17.66 -10.57
CA PRO A 507 18.84 -17.49 -9.13
C PRO A 507 20.31 -17.23 -8.86
N TYR A 508 20.57 -16.30 -7.93
CA TYR A 508 21.90 -15.94 -7.50
C TYR A 508 22.02 -16.17 -6.00
N ARG A 509 23.03 -16.94 -5.59
CA ARG A 509 23.34 -17.11 -4.18
C ARG A 509 24.17 -15.93 -3.72
N VAL A 510 23.70 -15.24 -2.67
CA VAL A 510 24.34 -14.05 -2.15
C VAL A 510 24.69 -14.26 -0.69
N VAL A 511 25.95 -14.00 -0.34
CA VAL A 511 26.44 -14.10 1.03
C VAL A 511 27.10 -12.77 1.39
N VAL A 512 26.88 -12.33 2.62
CA VAL A 512 27.42 -11.09 3.15
C VAL A 512 28.19 -11.42 4.42
N LEU A 513 29.44 -10.97 4.49
CA LEU A 513 30.32 -11.18 5.63
C LEU A 513 30.47 -9.88 6.39
N SER A 514 30.24 -9.94 7.71
CA SER A 514 30.45 -8.81 8.60
C SER A 514 31.23 -9.29 9.82
N PHE A 515 31.77 -8.33 10.57
CA PHE A 515 32.56 -8.69 11.75
C PHE A 515 32.78 -7.45 12.59
N GLU A 516 33.13 -7.68 13.86
CA GLU A 516 33.56 -6.63 14.78
C GLU A 516 35.03 -6.82 15.08
N LEU A 517 35.76 -5.71 15.14
CA LEU A 517 37.21 -5.74 15.29
C LEU A 517 37.57 -5.58 16.77
N LEU A 518 38.05 -6.68 17.37
CA LEU A 518 38.70 -6.69 18.68
C LEU A 518 37.85 -5.98 19.74
N HIS A 519 36.69 -6.58 20.02
CA HIS A 519 35.87 -6.11 21.13
C HIS A 519 36.63 -6.22 22.44
N ALA A 520 37.24 -7.38 22.69
CA ALA A 520 38.15 -7.60 23.81
C ALA A 520 39.05 -8.79 23.53
N PRO A 521 38.52 -10.00 23.22
CA PRO A 521 39.42 -11.11 22.87
C PRO A 521 39.64 -11.21 21.37
N ALA A 522 40.47 -12.16 20.94
CA ALA A 522 40.69 -12.42 19.53
C ALA A 522 40.69 -13.93 19.31
N THR A 523 39.87 -14.39 18.38
CA THR A 523 39.70 -15.82 18.12
C THR A 523 40.05 -16.22 16.69
N VAL A 524 39.63 -15.46 15.69
CA VAL A 524 39.84 -15.81 14.29
C VAL A 524 40.77 -14.77 13.66
N CYS A 525 41.91 -15.23 13.16
CA CYS A 525 42.87 -14.37 12.49
C CYS A 525 43.32 -15.05 11.19
N GLY A 526 44.14 -14.34 10.43
CA GLY A 526 44.65 -14.87 9.19
C GLY A 526 45.70 -15.94 9.40
N PRO A 527 45.87 -16.83 8.44
CA PRO A 527 46.88 -17.88 8.56
C PRO A 527 48.29 -17.31 8.46
N LYS A 528 49.24 -18.04 9.04
CA LYS A 528 50.64 -17.66 9.03
C LYS A 528 51.48 -18.81 8.48
N LYS A 529 52.44 -18.48 7.64
CA LYS A 529 53.31 -19.46 7.00
C LYS A 529 54.69 -19.45 7.64
N SER A 530 55.36 -20.60 7.58
CA SER A 530 56.68 -20.77 8.16
C SER A 530 57.62 -21.40 7.14
N GLU B 1 -1.54 19.98 -2.31
CA GLU B 1 -1.08 19.98 -3.71
C GLU B 1 -1.87 18.98 -4.54
N VAL B 2 -3.05 18.61 -4.05
CA VAL B 2 -3.92 17.65 -4.73
C VAL B 2 -4.95 18.41 -5.56
N GLN B 3 -5.06 18.04 -6.83
CA GLN B 3 -6.01 18.68 -7.74
C GLN B 3 -6.56 17.64 -8.69
N LEU B 4 -7.73 17.93 -9.26
CA LEU B 4 -8.41 16.99 -10.13
C LEU B 4 -9.21 17.78 -11.16
N GLN B 5 -8.86 17.64 -12.42
CA GLN B 5 -9.54 18.32 -13.53
C GLN B 5 -10.27 17.26 -14.36
N GLN B 6 -11.59 17.38 -14.46
CA GLN B 6 -12.42 16.45 -15.20
C GLN B 6 -12.93 17.11 -16.48
N SER B 7 -13.76 16.38 -17.22
CA SER B 7 -14.34 16.88 -18.45
C SER B 7 -15.65 17.61 -18.17
N GLY B 8 -16.21 18.21 -19.22
CA GLY B 8 -17.43 18.96 -19.11
C GLY B 8 -18.66 18.11 -19.25
N PRO B 9 -19.83 18.73 -19.35
CA PRO B 9 -21.08 17.97 -19.50
C PRO B 9 -21.14 17.26 -20.84
N GLU B 10 -21.88 16.15 -20.85
CA GLU B 10 -22.02 15.32 -22.03
C GLU B 10 -23.48 14.99 -22.27
N LEU B 11 -23.85 14.87 -23.54
CA LEU B 11 -25.16 14.42 -23.96
C LEU B 11 -25.01 13.06 -24.64
N VAL B 12 -25.76 12.07 -24.14
CA VAL B 12 -25.61 10.70 -24.58
C VAL B 12 -26.90 10.25 -25.26
N LYS B 13 -26.82 9.10 -25.92
CA LYS B 13 -27.95 8.48 -26.61
C LYS B 13 -28.24 7.11 -26.01
N PRO B 14 -29.52 6.77 -25.83
CA PRO B 14 -29.84 5.44 -25.28
C PRO B 14 -29.30 4.33 -26.17
N GLY B 15 -28.82 3.27 -25.53
CA GLY B 15 -28.22 2.16 -26.24
C GLY B 15 -26.94 2.50 -26.95
N ALA B 16 -26.05 3.27 -26.30
CA ALA B 16 -24.78 3.66 -26.88
C ALA B 16 -23.70 3.57 -25.82
N SER B 17 -22.47 3.84 -26.23
CA SER B 17 -21.30 3.78 -25.34
C SER B 17 -20.61 5.13 -25.33
N VAL B 18 -20.32 5.63 -24.13
CA VAL B 18 -19.65 6.92 -23.95
C VAL B 18 -18.51 6.75 -22.94
N LYS B 19 -17.63 7.74 -22.91
CA LYS B 19 -16.44 7.69 -22.07
C LYS B 19 -16.35 8.93 -21.19
N ILE B 20 -15.83 8.73 -19.98
CA ILE B 20 -15.62 9.79 -19.00
C ILE B 20 -14.20 9.67 -18.47
N SER B 21 -13.51 10.80 -18.36
CA SER B 21 -12.11 10.81 -17.94
C SER B 21 -11.96 11.54 -16.61
N CYS B 22 -11.24 10.92 -15.68
CA CYS B 22 -10.84 11.54 -14.42
C CYS B 22 -9.31 11.70 -14.44
N LYS B 23 -8.85 12.95 -14.46
CA LYS B 23 -7.44 13.25 -14.56
C LYS B 23 -6.88 13.62 -13.20
N THR B 24 -5.75 13.00 -12.84
CA THR B 24 -5.06 13.28 -11.59
C THR B 24 -3.65 13.73 -11.90
N SER B 25 -3.23 14.83 -11.28
CA SER B 25 -1.90 15.39 -11.51
C SER B 25 -1.43 16.11 -10.26
N GLY B 26 -0.11 16.30 -10.17
CA GLY B 26 0.49 16.98 -9.05
C GLY B 26 0.86 16.10 -7.87
N TYR B 27 0.52 14.81 -7.92
CA TYR B 27 0.83 13.90 -6.81
C TYR B 27 0.99 12.49 -7.36
N THR B 28 1.64 11.65 -6.57
CA THR B 28 1.85 10.27 -6.96
C THR B 28 0.53 9.51 -7.05
N PHE B 29 0.43 8.64 -8.06
CA PHE B 29 -0.81 7.95 -8.40
C PHE B 29 -0.80 6.48 -7.97
N THR B 30 0.36 5.92 -7.64
CA THR B 30 0.49 4.48 -7.49
C THR B 30 -0.19 3.94 -6.24
N GLU B 31 -0.13 4.64 -5.11
CA GLU B 31 -0.50 4.03 -3.84
C GLU B 31 -2.02 4.00 -3.63
N TYR B 32 -2.67 5.15 -3.66
CA TYR B 32 -4.06 5.27 -3.23
C TYR B 32 -5.01 4.88 -4.36
N THR B 33 -6.07 4.15 -4.00
CA THR B 33 -7.09 3.73 -4.95
C THR B 33 -7.96 4.92 -5.35
N ILE B 34 -8.70 4.75 -6.43
CA ILE B 34 -9.58 5.79 -6.97
C ILE B 34 -11.01 5.29 -6.95
N TYR B 35 -11.93 6.11 -6.42
CA TYR B 35 -13.31 5.74 -6.24
C TYR B 35 -14.21 6.57 -7.15
N TRP B 36 -15.28 5.94 -7.62
CA TRP B 36 -16.27 6.54 -8.49
C TRP B 36 -17.62 6.49 -7.80
N VAL B 37 -18.32 7.63 -7.76
CA VAL B 37 -19.68 7.71 -7.22
C VAL B 37 -20.53 8.55 -8.17
N LYS B 38 -21.84 8.56 -7.91
CA LYS B 38 -22.78 9.30 -8.73
C LYS B 38 -23.77 10.05 -7.86
N GLN B 39 -24.29 11.15 -8.40
CA GLN B 39 -25.37 11.91 -7.78
C GLN B 39 -26.43 12.16 -8.83
N SER B 40 -27.66 11.70 -8.57
CA SER B 40 -28.75 11.83 -9.52
C SER B 40 -29.63 13.02 -9.14
N LEU B 41 -29.02 14.21 -9.26
CA LEU B 41 -29.70 15.49 -9.03
C LEU B 41 -30.24 15.59 -7.61
N GLY B 42 -29.33 15.52 -6.65
CA GLY B 42 -29.66 15.72 -5.26
C GLY B 42 -30.23 14.52 -4.52
N LYS B 43 -30.32 13.36 -5.17
CA LYS B 43 -30.83 12.17 -4.51
C LYS B 43 -29.72 11.53 -3.66
N SER B 44 -29.97 10.32 -3.19
CA SER B 44 -29.00 9.62 -2.36
C SER B 44 -27.75 9.29 -3.16
N LEU B 45 -26.60 9.28 -2.46
CA LEU B 45 -25.33 9.01 -3.11
C LEU B 45 -25.13 7.52 -3.28
N GLU B 46 -24.72 7.10 -4.47
CA GLU B 46 -24.45 5.70 -4.78
C GLU B 46 -22.96 5.52 -5.04
N TRP B 47 -22.39 4.48 -4.44
CA TRP B 47 -20.98 4.15 -4.64
C TRP B 47 -20.85 3.34 -5.92
N ILE B 48 -20.46 4.02 -7.00
CA ILE B 48 -20.34 3.34 -8.29
C ILE B 48 -19.31 2.23 -8.23
N GLY B 49 -18.15 2.51 -7.64
CA GLY B 49 -17.15 1.47 -7.49
C GLY B 49 -15.78 2.06 -7.17
N GLY B 50 -14.77 1.22 -7.35
CA GLY B 50 -13.41 1.64 -7.09
C GLY B 50 -12.41 0.80 -7.86
N ASN B 51 -11.20 1.34 -7.99
CA ASN B 51 -10.13 0.65 -8.70
C ASN B 51 -8.79 0.93 -8.03
N ASN B 52 -7.86 -0.01 -8.20
CA ASN B 52 -6.54 0.04 -7.60
C ASN B 52 -5.51 0.35 -8.69
N PRO B 53 -4.82 1.48 -8.61
CA PRO B 53 -3.84 1.81 -9.67
C PRO B 53 -2.72 0.79 -9.81
N ASN B 54 -2.27 0.19 -8.73
CA ASN B 54 -1.11 -0.69 -8.78
C ASN B 54 -1.49 -2.11 -9.17
N ASN B 55 -2.35 -2.76 -8.38
CA ASN B 55 -2.76 -4.13 -8.65
C ASN B 55 -3.73 -4.23 -9.82
N ASP B 56 -4.23 -3.10 -10.33
CA ASP B 56 -5.22 -3.06 -11.41
C ASP B 56 -6.50 -3.79 -11.02
N ASP B 57 -6.79 -3.82 -9.72
CA ASP B 57 -8.00 -4.42 -9.22
C ASP B 57 -9.20 -3.51 -9.48
N THR B 58 -10.39 -4.12 -9.55
CA THR B 58 -11.62 -3.38 -9.80
C THR B 58 -12.72 -3.97 -8.94
N THR B 59 -13.45 -3.11 -8.23
CA THR B 59 -14.53 -3.55 -7.36
C THR B 59 -15.78 -2.72 -7.62
N TYR B 60 -16.93 -3.39 -7.62
CA TYR B 60 -18.23 -2.78 -7.89
C TYR B 60 -19.13 -2.93 -6.67
N LYS B 61 -20.36 -2.43 -6.80
CA LYS B 61 -21.36 -2.58 -5.75
C LYS B 61 -22.19 -3.83 -6.03
N GLN B 62 -23.26 -4.03 -5.25
CA GLN B 62 -24.09 -5.22 -5.43
C GLN B 62 -24.80 -5.21 -6.78
N PHE B 63 -25.39 -4.07 -7.15
CA PHE B 63 -26.12 -3.95 -8.41
C PHE B 63 -25.46 -2.86 -9.24
N PHE B 64 -24.57 -3.26 -10.16
CA PHE B 64 -23.92 -2.30 -11.04
C PHE B 64 -23.86 -2.82 -12.48
N LYS B 65 -24.23 -4.07 -12.73
CA LYS B 65 -24.06 -4.66 -14.06
C LYS B 65 -24.77 -3.82 -15.13
N GLY B 66 -24.08 -3.64 -16.25
CA GLY B 66 -24.59 -2.83 -17.35
C GLY B 66 -23.53 -1.92 -17.90
N LYS B 67 -22.65 -1.41 -17.03
CA LYS B 67 -21.51 -0.59 -17.43
C LYS B 67 -20.31 -0.94 -16.57
N ALA B 68 -20.19 -2.20 -16.16
CA ALA B 68 -19.17 -2.64 -15.22
C ALA B 68 -17.83 -2.75 -15.93
N THR B 69 -17.10 -1.64 -15.95
CA THR B 69 -15.78 -1.59 -16.58
C THR B 69 -15.02 -0.39 -16.04
N LEU B 70 -13.72 -0.57 -15.80
CA LEU B 70 -12.83 0.48 -15.33
C LEU B 70 -11.54 0.41 -16.14
N THR B 71 -10.85 1.55 -16.27
CA THR B 71 -9.45 1.42 -16.67
C THR B 71 -8.66 2.62 -16.15
N VAL B 72 -7.35 2.44 -16.05
CA VAL B 72 -6.43 3.50 -15.65
C VAL B 72 -5.20 3.43 -16.55
N ASP B 73 -4.51 4.56 -16.64
CA ASP B 73 -3.23 4.60 -17.34
C ASP B 73 -2.30 5.57 -16.62
N LYS B 74 -1.03 5.16 -16.49
CA LYS B 74 -0.02 5.95 -15.81
C LYS B 74 0.69 6.92 -16.74
N SER B 75 0.76 6.60 -18.04
CA SER B 75 1.37 7.54 -18.98
C SER B 75 0.60 8.86 -19.02
N SER B 76 -0.72 8.79 -19.06
CA SER B 76 -1.55 9.97 -18.90
C SER B 76 -1.96 10.21 -17.45
N SER B 77 -1.68 9.25 -16.57
CA SER B 77 -1.95 9.38 -15.13
C SER B 77 -3.42 9.72 -14.88
N THR B 78 -4.32 8.99 -15.54
CA THR B 78 -5.74 9.25 -15.44
C THR B 78 -6.50 7.94 -15.43
N ALA B 79 -7.83 8.05 -15.34
CA ALA B 79 -8.72 6.91 -15.31
C ALA B 79 -9.88 7.15 -16.26
N TYR B 80 -10.38 6.06 -16.84
CA TYR B 80 -11.46 6.12 -17.83
C TYR B 80 -12.61 5.22 -17.40
N MET B 81 -13.81 5.80 -17.44
CA MET B 81 -15.09 5.14 -17.24
C MET B 81 -15.77 4.98 -18.58
N GLU B 82 -16.35 3.81 -18.83
CA GLU B 82 -17.14 3.56 -20.03
C GLU B 82 -18.58 3.30 -19.60
N LEU B 83 -19.50 4.08 -20.13
CA LEU B 83 -20.93 3.96 -19.84
C LEU B 83 -21.64 3.34 -21.03
N ARG B 84 -22.44 2.31 -20.74
CA ARG B 84 -23.23 1.60 -21.74
C ARG B 84 -24.64 1.43 -21.22
N SER B 85 -25.58 1.22 -22.15
CA SER B 85 -27.00 1.05 -21.84
C SER B 85 -27.54 2.24 -21.06
N LEU B 86 -27.49 3.41 -21.71
CA LEU B 86 -27.98 4.66 -21.14
C LEU B 86 -29.49 4.75 -21.36
N THR B 87 -30.20 3.80 -20.76
CA THR B 87 -31.58 3.52 -21.15
C THR B 87 -32.55 4.69 -20.91
N SER B 88 -32.84 5.02 -19.65
CA SER B 88 -33.83 6.05 -19.39
C SER B 88 -33.52 6.99 -18.23
N GLU B 89 -32.61 6.66 -17.32
CA GLU B 89 -32.47 7.45 -16.10
C GLU B 89 -31.03 7.66 -15.65
N ASP B 90 -30.05 7.39 -16.49
CA ASP B 90 -28.65 7.55 -16.11
C ASP B 90 -28.17 8.99 -16.17
N SER B 91 -29.06 9.94 -16.48
CA SER B 91 -28.70 11.35 -16.50
C SER B 91 -28.39 11.81 -15.08
N ALA B 92 -27.11 11.98 -14.77
CA ALA B 92 -26.67 12.33 -13.43
C ALA B 92 -25.23 12.82 -13.52
N VAL B 93 -24.63 13.10 -12.36
CA VAL B 93 -23.27 13.62 -12.31
C VAL B 93 -22.36 12.56 -11.70
N TYR B 94 -21.20 12.36 -12.32
CA TYR B 94 -20.18 11.45 -11.86
C TYR B 94 -19.12 12.19 -11.06
N TYR B 95 -18.73 11.62 -9.92
CA TYR B 95 -17.71 12.21 -9.06
C TYR B 95 -16.59 11.21 -8.85
N CYS B 96 -15.35 11.69 -9.02
CA CYS B 96 -14.14 10.88 -8.92
C CYS B 96 -13.35 11.36 -7.72
N ALA B 97 -13.02 10.44 -6.82
CA ALA B 97 -12.41 10.79 -5.55
C ALA B 97 -11.21 9.90 -5.26
N ARG B 98 -10.35 10.38 -4.36
CA ARG B 98 -9.15 9.66 -3.94
C ARG B 98 -9.10 9.63 -2.42
N ASP B 99 -8.73 8.48 -1.87
CA ASP B 99 -8.65 8.29 -0.43
C ASP B 99 -7.19 8.36 0.04
N GLY B 100 -7.02 8.38 1.35
CA GLY B 100 -5.69 8.41 1.94
C GLY B 100 -5.50 7.35 3.00
N TYR B 101 -4.52 6.47 2.81
CA TYR B 101 -4.28 5.38 3.74
C TYR B 101 -3.54 5.84 4.99
N PRO B 102 -2.44 6.60 4.88
CA PRO B 102 -1.79 7.07 6.12
C PRO B 102 -2.68 7.96 6.97
N TYR B 103 -3.56 8.74 6.37
CA TYR B 103 -4.41 9.66 7.10
C TYR B 103 -5.59 10.03 6.22
N TYR B 104 -6.66 10.51 6.85
CA TYR B 104 -7.84 11.04 6.16
C TYR B 104 -8.50 9.98 5.29
N TYR B 105 -9.02 8.96 5.96
CA TYR B 105 -9.82 7.92 5.30
C TYR B 105 -11.09 8.51 4.69
N ALA B 106 -11.78 7.66 3.93
CA ALA B 106 -13.13 7.92 3.44
C ALA B 106 -13.20 9.17 2.56
N LEU B 107 -12.51 9.09 1.42
CA LEU B 107 -12.71 10.02 0.30
C LEU B 107 -12.48 11.47 0.74
N ASP B 108 -11.24 11.76 1.15
CA ASP B 108 -10.92 13.12 1.58
C ASP B 108 -11.10 14.13 0.44
N PHE B 109 -10.61 13.80 -0.74
CA PHE B 109 -10.56 14.73 -1.86
C PHE B 109 -11.58 14.33 -2.91
N TRP B 110 -12.26 15.32 -3.49
CA TRP B 110 -13.32 15.12 -4.46
C TRP B 110 -12.98 15.84 -5.77
N GLY B 111 -13.89 15.72 -6.74
CA GLY B 111 -13.73 16.40 -8.01
C GLY B 111 -14.97 17.20 -8.33
N GLN B 112 -14.88 17.98 -9.42
CA GLN B 112 -15.99 18.83 -9.82
C GLN B 112 -17.15 18.02 -10.38
N GLY B 113 -16.90 16.82 -10.89
CA GLY B 113 -17.97 15.99 -11.43
C GLY B 113 -18.25 16.28 -12.89
N THR B 114 -18.78 15.28 -13.57
CA THR B 114 -19.17 15.40 -14.98
C THR B 114 -20.64 15.05 -15.11
N SER B 115 -21.43 15.97 -15.66
CA SER B 115 -22.87 15.78 -15.78
C SER B 115 -23.20 15.19 -17.15
N VAL B 116 -23.76 13.98 -17.15
CA VAL B 116 -24.17 13.31 -18.37
C VAL B 116 -25.69 13.28 -18.42
N THR B 117 -26.25 13.67 -19.56
CA THR B 117 -27.69 13.75 -19.74
C THR B 117 -28.10 12.88 -20.92
N VAL B 118 -29.13 12.07 -20.73
CA VAL B 118 -29.62 11.17 -21.76
C VAL B 118 -30.76 11.84 -22.53
N SER B 119 -30.71 11.77 -23.85
CA SER B 119 -31.74 12.35 -24.69
C SER B 119 -31.72 11.65 -26.04
N SER B 120 -32.81 11.82 -26.78
CA SER B 120 -32.95 11.20 -28.10
C SER B 120 -32.06 11.92 -29.13
N ASP C 1 -29.55 -6.08 6.91
CA ASP C 1 -28.67 -6.15 5.76
C ASP C 1 -27.95 -4.83 5.56
N ILE C 2 -28.38 -4.06 4.57
CA ILE C 2 -27.80 -2.75 4.25
C ILE C 2 -28.94 -1.75 4.18
N VAL C 3 -29.05 -0.89 5.19
CA VAL C 3 -30.07 0.15 5.22
C VAL C 3 -29.56 1.27 6.11
N MET C 4 -29.82 2.51 5.69
CA MET C 4 -29.42 3.69 6.44
C MET C 4 -30.50 4.75 6.30
N THR C 5 -31.11 5.13 7.43
CA THR C 5 -32.19 6.11 7.44
C THR C 5 -31.99 7.25 8.43
N GLN C 6 -31.16 7.05 9.46
CA GLN C 6 -30.85 8.06 10.49
C GLN C 6 -32.11 8.72 11.05
N SER C 7 -33.24 8.01 10.99
CA SER C 7 -34.49 8.40 11.64
C SER C 7 -35.06 9.71 11.13
N GLN C 8 -34.46 10.29 10.09
CA GLN C 8 -34.95 11.54 9.55
C GLN C 8 -34.41 11.74 8.15
N LYS C 9 -35.11 12.58 7.39
CA LYS C 9 -34.67 13.00 6.06
C LYS C 9 -34.29 14.46 5.98
N PHE C 10 -34.89 15.31 6.81
CA PHE C 10 -34.54 16.73 6.86
C PHE C 10 -35.00 17.28 8.20
N MET C 11 -34.27 18.27 8.69
CA MET C 11 -34.57 18.92 9.97
C MET C 11 -34.46 20.42 9.82
N SER C 12 -35.19 21.14 10.69
CA SER C 12 -35.29 22.59 10.61
C SER C 12 -34.93 23.20 11.95
N THR C 13 -34.04 24.21 11.93
CA THR C 13 -33.70 24.99 13.11
C THR C 13 -33.73 26.46 12.72
N SER C 14 -34.43 27.26 13.53
CA SER C 14 -34.67 28.65 13.14
C SER C 14 -33.47 29.55 13.46
N VAL C 15 -33.18 29.74 14.75
CA VAL C 15 -32.15 30.68 15.19
C VAL C 15 -31.57 30.20 16.51
N GLY C 16 -30.25 30.12 16.59
CA GLY C 16 -29.57 29.92 17.86
C GLY C 16 -29.52 28.49 18.36
N ASP C 17 -30.58 27.72 18.12
CA ASP C 17 -30.65 26.36 18.63
C ASP C 17 -29.58 25.49 17.99
N ARG C 18 -28.95 24.65 18.80
CA ARG C 18 -27.91 23.76 18.30
C ARG C 18 -28.50 22.71 17.37
N VAL C 19 -27.72 22.31 16.37
CA VAL C 19 -28.13 21.31 15.40
C VAL C 19 -27.38 20.02 15.67
N SER C 20 -28.11 18.91 15.65
CA SER C 20 -27.54 17.59 15.86
C SER C 20 -28.28 16.59 14.98
N VAL C 21 -27.52 15.71 14.33
CA VAL C 21 -28.08 14.69 13.46
C VAL C 21 -27.46 13.35 13.82
N THR C 22 -28.30 12.32 13.93
CA THR C 22 -27.83 10.98 14.18
C THR C 22 -27.50 10.28 12.86
N CYS C 23 -26.76 9.18 12.96
CA CYS C 23 -26.43 8.35 11.81
C CYS C 23 -26.67 6.88 12.15
N LYS C 24 -27.86 6.59 12.67
CA LYS C 24 -28.21 5.23 13.03
C LYS C 24 -28.03 4.28 11.84
N SER C 25 -27.33 3.19 12.08
CA SER C 25 -26.94 2.24 11.06
C SER C 25 -27.72 0.94 11.22
N SER C 26 -27.36 -0.05 10.42
CA SER C 26 -27.97 -1.37 10.48
C SER C 26 -27.40 -2.15 11.67
N GLN C 27 -27.64 -3.46 11.69
CA GLN C 27 -27.09 -4.30 12.75
C GLN C 27 -25.56 -4.22 12.77
N ASN C 28 -24.97 -4.74 13.84
CA ASN C 28 -23.54 -4.62 14.08
C ASN C 28 -22.69 -5.12 12.92
N VAL C 29 -21.99 -4.21 12.26
CA VAL C 29 -21.08 -4.57 11.17
C VAL C 29 -19.71 -3.96 11.49
N GLY C 30 -19.71 -2.88 12.24
CA GLY C 30 -18.47 -2.22 12.62
C GLY C 30 -18.75 -0.81 13.08
N THR C 31 -17.66 -0.09 13.37
CA THR C 31 -17.72 1.29 13.85
C THR C 31 -16.77 2.14 13.02
N ASN C 32 -17.27 2.64 11.88
CA ASN C 32 -16.50 3.54 11.03
C ASN C 32 -17.46 4.31 10.13
N VAL C 33 -17.60 5.61 10.38
CA VAL C 33 -18.50 6.46 9.62
C VAL C 33 -17.79 7.76 9.29
N ALA C 34 -18.49 8.62 8.55
CA ALA C 34 -18.03 9.96 8.23
C ALA C 34 -19.24 10.79 7.87
N TRP C 35 -19.07 12.11 7.92
CA TRP C 35 -20.13 13.05 7.56
C TRP C 35 -19.57 14.10 6.62
N TYR C 36 -20.26 14.30 5.50
CA TYR C 36 -19.89 15.28 4.48
C TYR C 36 -20.97 16.33 4.35
N GLN C 37 -20.53 17.57 4.12
CA GLN C 37 -21.41 18.67 3.74
C GLN C 37 -21.53 18.72 2.22
N GLN C 38 -22.73 19.02 1.75
CA GLN C 38 -23.00 19.12 0.31
C GLN C 38 -23.68 20.48 0.07
N LYS C 39 -22.87 21.45 -0.35
CA LYS C 39 -23.43 22.73 -0.75
C LYS C 39 -24.15 22.58 -2.09
N PRO C 40 -25.18 23.39 -2.33
CA PRO C 40 -25.99 23.19 -3.53
C PRO C 40 -25.29 23.59 -4.82
N GLY C 41 -24.45 22.69 -5.36
CA GLY C 41 -23.87 22.92 -6.66
C GLY C 41 -22.43 22.47 -6.87
N GLN C 42 -21.64 22.41 -5.81
CA GLN C 42 -20.24 22.02 -5.94
C GLN C 42 -19.98 20.71 -5.18
N SER C 43 -18.71 20.32 -5.14
CA SER C 43 -18.32 19.02 -4.61
C SER C 43 -18.58 18.95 -3.11
N PRO C 44 -18.85 17.75 -2.60
CA PRO C 44 -19.06 17.60 -1.15
C PRO C 44 -17.83 17.98 -0.35
N LYS C 45 -18.06 18.54 0.83
CA LYS C 45 -17.01 18.89 1.77
C LYS C 45 -17.17 18.05 3.02
N ALA C 46 -16.10 17.38 3.43
CA ALA C 46 -16.16 16.52 4.60
C ALA C 46 -16.39 17.35 5.86
N LEU C 47 -17.32 16.89 6.70
CA LEU C 47 -17.66 17.57 7.94
C LEU C 47 -16.99 16.93 9.16
N ILE C 48 -17.19 15.62 9.35
CA ILE C 48 -16.64 14.92 10.49
C ILE C 48 -16.09 13.57 10.04
N TYR C 49 -15.11 13.06 10.80
CA TYR C 49 -14.40 11.82 10.49
C TYR C 49 -14.55 10.89 11.68
N SER C 50 -15.09 9.70 11.43
CA SER C 50 -15.31 8.67 12.46
C SER C 50 -16.19 9.18 13.59
N ALA C 51 -16.91 10.27 13.35
CA ALA C 51 -17.92 10.84 14.24
C ALA C 51 -17.31 11.50 15.47
N SER C 52 -16.00 11.32 15.70
CA SER C 52 -15.32 12.07 16.75
C SER C 52 -13.85 12.21 16.37
N TYR C 53 -13.53 13.32 15.70
CA TYR C 53 -12.16 13.69 15.33
C TYR C 53 -12.17 15.15 14.87
N ARG C 54 -11.04 15.59 14.33
CA ARG C 54 -10.87 16.98 13.92
C ARG C 54 -10.23 17.03 12.54
N TYR C 55 -10.50 18.13 11.83
CA TYR C 55 -9.88 18.42 10.54
C TYR C 55 -8.93 19.60 10.69
N SER C 56 -7.75 19.49 10.08
CA SER C 56 -6.82 20.61 10.08
C SER C 56 -7.35 21.76 9.22
N GLY C 57 -7.97 21.45 8.09
CA GLY C 57 -8.43 22.44 7.14
C GLY C 57 -9.81 23.00 7.36
N VAL C 58 -10.45 22.68 8.47
CA VAL C 58 -11.80 23.18 8.76
C VAL C 58 -11.78 23.89 10.11
N PRO C 59 -12.46 25.04 10.26
CA PRO C 59 -12.54 25.66 11.59
C PRO C 59 -13.43 24.85 12.51
N ASP C 60 -12.87 23.78 13.08
CA ASP C 60 -13.65 22.76 13.76
C ASP C 60 -14.09 23.25 15.13
N HIS C 61 -15.39 23.48 15.30
CA HIS C 61 -16.04 23.61 16.60
C HIS C 61 -17.23 22.66 16.56
N PHE C 62 -16.97 21.39 16.84
CA PHE C 62 -17.95 20.33 16.65
C PHE C 62 -17.99 19.43 17.88
N THR C 63 -19.14 18.77 18.06
CA THR C 63 -19.32 17.78 19.11
C THR C 63 -19.80 16.48 18.46
N GLY C 64 -19.16 15.38 18.82
CA GLY C 64 -19.45 14.09 18.23
C GLY C 64 -20.23 13.19 19.16
N SER C 65 -19.88 11.90 19.14
CA SER C 65 -20.55 10.90 19.97
C SER C 65 -19.55 9.80 20.29
N GLY C 66 -20.04 8.73 20.92
CA GLY C 66 -19.18 7.64 21.32
C GLY C 66 -18.98 6.60 20.24
N SER C 67 -19.11 5.33 20.61
CA SER C 67 -18.90 4.23 19.67
C SER C 67 -20.09 3.26 19.69
N GLY C 68 -19.96 2.14 18.98
CA GLY C 68 -21.02 1.16 18.94
C GLY C 68 -21.72 1.10 17.60
N THR C 69 -22.98 0.68 17.60
CA THR C 69 -23.77 0.57 16.37
C THR C 69 -24.59 1.82 16.08
N ASP C 70 -24.46 2.87 16.89
CA ASP C 70 -25.19 4.11 16.71
C ASP C 70 -24.23 5.28 16.70
N PHE C 71 -24.57 6.32 15.94
CA PHE C 71 -23.69 7.46 15.76
C PHE C 71 -24.50 8.75 15.83
N THR C 72 -23.84 9.83 16.24
CA THR C 72 -24.48 11.13 16.38
C THR C 72 -23.43 12.21 16.17
N LEU C 73 -23.86 13.36 15.65
CA LEU C 73 -22.98 14.49 15.40
C LEU C 73 -23.70 15.77 15.79
N THR C 74 -22.96 16.68 16.43
CA THR C 74 -23.49 17.97 16.82
C THR C 74 -22.62 19.07 16.23
N ILE C 75 -23.25 20.05 15.59
CA ILE C 75 -22.54 21.15 14.95
C ILE C 75 -22.68 22.37 15.86
N SER C 76 -21.80 23.36 15.65
CA SER C 76 -21.71 24.52 16.54
C SER C 76 -23.06 25.21 16.69
N ASN C 77 -23.57 25.78 15.61
CA ASN C 77 -24.81 26.55 15.64
C ASN C 77 -25.29 26.73 14.20
N VAL C 78 -26.32 27.54 14.02
CA VAL C 78 -26.89 27.82 12.70
C VAL C 78 -26.31 29.17 12.26
N GLN C 79 -25.19 29.12 11.55
CA GLN C 79 -24.61 30.32 10.98
C GLN C 79 -25.28 30.63 9.64
N SER C 80 -24.75 31.62 8.92
CA SER C 80 -25.34 32.04 7.65
C SER C 80 -24.90 31.20 6.47
N ALA C 81 -24.02 30.22 6.69
CA ALA C 81 -23.54 29.35 5.62
C ALA C 81 -23.69 27.89 6.00
N ASP C 82 -24.84 27.55 6.59
CA ASP C 82 -25.11 26.18 7.01
C ASP C 82 -26.15 25.46 6.18
N LEU C 83 -26.91 26.17 5.35
CA LEU C 83 -27.95 25.56 4.55
C LEU C 83 -27.32 24.68 3.47
N ALA C 84 -27.34 23.37 3.68
CA ALA C 84 -26.75 22.42 2.75
C ALA C 84 -27.34 21.04 3.04
N GLU C 85 -26.86 20.03 2.33
CA GLU C 85 -27.27 18.66 2.56
C GLU C 85 -26.23 17.93 3.39
N TYR C 86 -26.68 16.98 4.19
CA TYR C 86 -25.82 16.24 5.13
C TYR C 86 -25.75 14.79 4.68
N PHE C 87 -24.54 14.27 4.49
CA PHE C 87 -24.38 12.89 4.06
C PHE C 87 -23.56 12.11 5.08
N CYS C 88 -24.03 10.90 5.42
CA CYS C 88 -23.29 10.02 6.30
C CYS C 88 -22.65 8.89 5.50
N GLN C 89 -21.63 8.29 6.09
CA GLN C 89 -20.82 7.28 5.42
C GLN C 89 -20.78 6.00 6.24
N GLN C 90 -20.54 4.89 5.56
CA GLN C 90 -20.42 3.58 6.20
C GLN C 90 -19.50 2.73 5.34
N TYR C 91 -18.29 2.47 5.83
CA TYR C 91 -17.26 1.75 5.05
C TYR C 91 -16.77 0.56 5.88
N ASN C 92 -17.49 -0.55 5.78
CA ASN C 92 -17.06 -1.82 6.34
C ASN C 92 -16.92 -2.90 5.28
N ASN C 93 -17.96 -3.13 4.48
CA ASN C 93 -17.92 -4.08 3.38
C ASN C 93 -17.68 -3.35 2.08
N TYR C 94 -17.19 -4.09 1.08
CA TYR C 94 -16.88 -3.47 -0.20
C TYR C 94 -18.07 -2.82 -0.88
N PRO C 95 -19.29 -3.41 -0.91
CA PRO C 95 -20.42 -2.69 -1.52
C PRO C 95 -20.86 -1.50 -0.68
N TRP C 96 -20.11 -0.40 -0.78
CA TRP C 96 -20.43 0.80 -0.01
C TRP C 96 -21.81 1.34 -0.39
N THR C 97 -22.58 1.72 0.63
CA THR C 97 -23.90 2.30 0.43
C THR C 97 -24.17 3.29 1.56
N PHE C 98 -24.61 4.48 1.19
CA PHE C 98 -24.86 5.54 2.16
C PHE C 98 -26.37 5.66 2.40
N GLY C 99 -26.75 6.67 3.19
CA GLY C 99 -28.15 6.92 3.50
C GLY C 99 -28.81 7.88 2.53
N GLY C 100 -30.06 8.22 2.86
CA GLY C 100 -30.81 9.16 2.05
C GLY C 100 -30.43 10.60 2.22
N GLY C 101 -29.59 10.91 3.21
CA GLY C 101 -29.14 12.26 3.44
C GLY C 101 -30.04 13.04 4.37
N THR C 102 -29.50 14.16 4.87
CA THR C 102 -30.23 15.04 5.77
C THR C 102 -30.11 16.47 5.26
N LYS C 103 -31.22 17.20 5.30
CA LYS C 103 -31.27 18.57 4.82
C LYS C 103 -31.54 19.52 5.99
N LEU C 104 -30.72 20.55 6.13
CA LEU C 104 -30.88 21.55 7.17
C LEU C 104 -31.56 22.78 6.58
N GLU C 105 -32.69 23.17 7.17
CA GLU C 105 -33.47 24.31 6.71
C GLU C 105 -33.54 25.35 7.83
N ILE C 106 -33.26 26.60 7.48
CA ILE C 106 -33.37 27.71 8.43
C ILE C 106 -34.83 28.17 8.41
N LYS C 107 -35.55 27.88 9.49
CA LYS C 107 -36.99 28.16 9.56
C LYS C 107 -37.20 29.64 9.81
N ARG C 108 -37.36 30.39 8.72
CA ARG C 108 -37.69 31.81 8.83
C ARG C 108 -39.14 31.98 9.28
N THR C 109 -39.36 32.95 10.16
CA THR C 109 -40.68 33.22 10.70
C THR C 109 -41.31 34.41 9.99
N VAL C 110 -42.51 34.79 10.43
CA VAL C 110 -43.23 35.90 9.83
C VAL C 110 -42.59 37.22 10.22
#